data_8GUC
#
_entry.id   8GUC
#
_entity_poly.entity_id   1
_entity_poly.type   'polypeptide(L)'
_entity_poly.pdbx_seq_one_letter_code
;GCPPCRFTLSPWVSPCSNPHWPIRAMCNDSVPCPPC
;
_entity_poly.pdbx_strand_id   A
#
# COMPACT_ATOMS: atom_id res chain seq x y z
N GLY A 1 14.70 -2.11 -4.04
CA GLY A 1 13.86 -2.00 -2.82
C GLY A 1 12.41 -1.76 -3.16
N CYS A 2 11.57 -1.73 -2.14
CA CYS A 2 10.14 -1.49 -2.32
C CYS A 2 9.86 0.00 -2.44
N PRO A 3 9.22 0.43 -3.55
CA PRO A 3 8.74 1.81 -3.67
C PRO A 3 7.89 2.20 -2.47
N PRO A 4 8.17 3.35 -1.85
CA PRO A 4 7.54 3.75 -0.61
C PRO A 4 6.19 4.43 -0.78
N CYS A 5 5.19 3.90 -0.10
CA CYS A 5 3.93 4.61 0.05
C CYS A 5 4.08 5.64 1.17
N ARG A 6 4.25 6.90 0.78
CA ARG A 6 4.54 7.96 1.73
C ARG A 6 3.31 8.30 2.55
N PHE A 7 2.40 9.04 1.95
CA PHE A 7 1.18 9.40 2.63
C PHE A 7 0.12 8.37 2.32
N THR A 8 0.08 7.32 3.11
CA THR A 8 -1.03 6.39 3.05
C THR A 8 -2.32 7.14 3.29
N LEU A 9 -3.20 7.16 2.31
CA LEU A 9 -4.45 7.90 2.39
C LEU A 9 -5.50 7.06 3.08
N SER A 10 -5.03 5.98 3.67
CA SER A 10 -5.89 5.03 4.37
C SER A 10 -6.69 5.70 5.51
N PRO A 11 -6.07 6.54 6.38
CA PRO A 11 -4.63 6.82 6.38
C PRO A 11 -3.81 5.86 7.25
N TRP A 12 -4.40 5.34 8.31
CA TRP A 12 -3.65 4.57 9.29
C TRP A 12 -3.86 3.07 9.14
N VAL A 13 -5.01 2.70 8.58
CA VAL A 13 -5.32 1.30 8.34
C VAL A 13 -4.53 0.74 7.16
N SER A 14 -4.81 -0.50 6.78
CA SER A 14 -4.14 -1.16 5.68
C SER A 14 -4.14 -0.29 4.42
N PRO A 15 -3.00 -0.29 3.69
CA PRO A 15 -2.84 0.48 2.45
C PRO A 15 -3.80 0.03 1.35
N CYS A 16 -4.44 -1.11 1.55
CA CYS A 16 -5.42 -1.61 0.59
C CYS A 16 -6.68 -0.75 0.61
N SER A 17 -6.93 -0.09 1.73
CA SER A 17 -8.05 0.83 1.85
C SER A 17 -7.57 2.25 1.59
N ASN A 18 -6.96 2.44 0.43
CA ASN A 18 -6.34 3.71 0.09
C ASN A 18 -7.09 4.38 -1.06
N PRO A 19 -7.72 5.53 -0.81
CA PRO A 19 -8.34 6.34 -1.85
C PRO A 19 -7.32 6.76 -2.89
N HIS A 20 -7.69 6.62 -4.17
CA HIS A 20 -6.81 6.80 -5.32
C HIS A 20 -5.52 5.96 -5.20
N TRP A 21 -4.69 6.00 -6.24
CA TRP A 21 -3.51 5.13 -6.33
C TRP A 21 -3.95 3.66 -6.10
N PRO A 22 -4.64 3.08 -7.08
CA PRO A 22 -5.28 1.78 -6.94
C PRO A 22 -4.35 0.62 -7.26
N ILE A 23 -3.19 0.58 -6.62
CA ILE A 23 -2.25 -0.51 -6.84
C ILE A 23 -2.59 -1.69 -5.94
N ARG A 24 -2.68 -2.85 -6.56
CA ARG A 24 -3.09 -4.07 -5.90
C ARG A 24 -1.97 -4.63 -5.04
N ALA A 25 -0.74 -4.34 -5.42
CA ALA A 25 0.43 -4.87 -4.75
C ALA A 25 0.48 -4.47 -3.28
N MET A 26 0.23 -3.20 -2.98
CA MET A 26 0.29 -2.73 -1.59
C MET A 26 -0.88 -3.29 -0.78
N CYS A 27 -1.96 -3.68 -1.48
CA CYS A 27 -3.10 -4.32 -0.85
C CYS A 27 -2.76 -5.76 -0.48
N ASN A 28 -1.74 -6.29 -1.14
CA ASN A 28 -1.27 -7.65 -0.91
C ASN A 28 -0.27 -7.67 0.25
N ASP A 29 -0.31 -6.61 1.07
CA ASP A 29 0.69 -6.32 2.12
C ASP A 29 0.97 -7.51 3.04
N SER A 30 0.09 -8.50 3.07
CA SER A 30 0.29 -9.70 3.86
C SER A 30 1.42 -10.56 3.26
N VAL A 31 1.81 -10.23 2.04
CA VAL A 31 2.94 -10.86 1.38
C VAL A 31 4.21 -10.07 1.71
N PRO A 32 5.39 -10.72 1.68
CA PRO A 32 6.69 -10.02 1.77
C PRO A 32 6.69 -8.68 1.04
N CYS A 33 7.47 -7.73 1.57
CA CYS A 33 7.46 -6.32 1.19
C CYS A 33 7.07 -6.08 -0.28
N PRO A 34 5.81 -5.71 -0.52
CA PRO A 34 5.29 -5.45 -1.86
C PRO A 34 5.50 -3.99 -2.29
N PRO A 35 5.66 -3.76 -3.60
CA PRO A 35 5.92 -2.43 -4.15
C PRO A 35 4.65 -1.61 -4.37
N CYS A 36 4.73 -0.33 -4.02
CA CYS A 36 3.66 0.61 -4.34
C CYS A 36 3.76 1.02 -5.80
N GLY A 1 15.20 -0.79 -6.92
CA GLY A 1 14.34 -1.84 -6.32
C GLY A 1 12.95 -1.34 -6.04
N CYS A 2 12.21 -2.06 -5.22
CA CYS A 2 10.85 -1.66 -4.85
C CYS A 2 10.89 -0.70 -3.67
N PRO A 3 10.25 0.47 -3.78
CA PRO A 3 10.07 1.39 -2.67
C PRO A 3 8.89 0.98 -1.80
N PRO A 4 9.08 0.92 -0.47
CA PRO A 4 8.03 0.50 0.43
C PRO A 4 7.06 1.62 0.79
N CYS A 5 5.77 1.38 0.57
CA CYS A 5 4.75 2.32 0.97
C CYS A 5 4.56 2.27 2.49
N ARG A 6 4.86 3.37 3.15
CA ARG A 6 4.78 3.43 4.61
C ARG A 6 3.54 4.19 5.03
N PHE A 7 3.49 5.46 4.67
CA PHE A 7 2.38 6.32 5.03
C PHE A 7 1.17 5.99 4.19
N THR A 8 0.40 5.02 4.66
CA THR A 8 -0.84 4.65 4.02
C THR A 8 -1.71 5.88 3.77
N LEU A 9 -2.21 6.03 2.55
CA LEU A 9 -3.02 7.19 2.18
C LEU A 9 -4.48 6.90 2.46
N SER A 10 -4.69 5.79 3.13
CA SER A 10 -6.02 5.32 3.50
C SER A 10 -6.81 6.35 4.34
N PRO A 11 -6.18 7.06 5.32
CA PRO A 11 -4.78 6.88 5.71
C PRO A 11 -4.58 5.84 6.82
N TRP A 12 -5.63 5.54 7.57
CA TRP A 12 -5.47 4.73 8.78
C TRP A 12 -5.98 3.31 8.59
N VAL A 13 -6.95 3.13 7.69
CA VAL A 13 -7.48 1.79 7.43
C VAL A 13 -6.54 0.99 6.55
N SER A 14 -6.97 -0.20 6.17
CA SER A 14 -6.15 -1.10 5.36
C SER A 14 -5.67 -0.43 4.06
N PRO A 15 -4.42 -0.71 3.66
CA PRO A 15 -3.81 -0.14 2.45
C PRO A 15 -4.54 -0.53 1.17
N CYS A 16 -5.39 -1.53 1.27
CA CYS A 16 -6.20 -1.95 0.14
C CYS A 16 -7.35 -0.99 -0.09
N SER A 17 -7.60 -0.13 0.88
CA SER A 17 -8.62 0.91 0.76
C SER A 17 -7.95 2.27 0.56
N ASN A 18 -6.91 2.28 -0.27
CA ASN A 18 -6.13 3.50 -0.49
C ASN A 18 -6.75 4.33 -1.61
N PRO A 19 -7.19 5.57 -1.30
CA PRO A 19 -7.79 6.47 -2.28
C PRO A 19 -6.76 7.12 -3.19
N HIS A 20 -7.24 7.68 -4.32
CA HIS A 20 -6.41 8.37 -5.32
C HIS A 20 -5.12 7.61 -5.63
N TRP A 21 -5.26 6.30 -5.74
CA TRP A 21 -4.15 5.40 -6.00
C TRP A 21 -4.69 3.97 -6.07
N PRO A 22 -5.06 3.52 -7.28
CA PRO A 22 -5.83 2.29 -7.47
C PRO A 22 -4.99 1.02 -7.32
N ILE A 23 -3.83 1.15 -6.72
CA ILE A 23 -2.94 0.03 -6.51
C ILE A 23 -3.37 -0.78 -5.30
N ARG A 24 -4.03 -1.90 -5.57
CA ARG A 24 -4.50 -2.78 -4.51
C ARG A 24 -3.34 -3.62 -3.98
N ALA A 25 -2.26 -3.69 -4.75
CA ALA A 25 -1.08 -4.48 -4.40
C ALA A 25 -0.47 -4.02 -3.07
N MET A 26 -0.77 -2.79 -2.67
CA MET A 26 -0.30 -2.26 -1.40
C MET A 26 -0.87 -3.10 -0.24
N CYS A 27 -1.94 -3.83 -0.51
CA CYS A 27 -2.60 -4.65 0.50
C CYS A 27 -1.78 -5.89 0.80
N ASN A 28 -0.79 -6.15 -0.03
CA ASN A 28 0.05 -7.33 0.10
C ASN A 28 1.18 -7.13 1.12
N ASP A 29 1.06 -6.09 1.93
CA ASP A 29 2.13 -5.68 2.86
C ASP A 29 2.61 -6.82 3.77
N SER A 30 1.79 -7.84 3.94
CA SER A 30 2.15 -8.99 4.76
C SER A 30 3.28 -9.79 4.11
N VAL A 31 3.46 -9.59 2.82
CA VAL A 31 4.56 -10.19 2.07
C VAL A 31 5.76 -9.23 2.14
N PRO A 32 7.00 -9.73 2.00
CA PRO A 32 8.19 -8.87 1.85
C PRO A 32 7.97 -7.74 0.83
N CYS A 33 8.96 -6.84 0.70
CA CYS A 33 8.79 -5.53 0.05
C CYS A 33 7.69 -5.51 -1.02
N PRO A 34 6.51 -4.98 -0.65
CA PRO A 34 5.34 -4.96 -1.53
C PRO A 34 5.44 -3.86 -2.59
N PRO A 35 5.06 -4.18 -3.83
CA PRO A 35 5.10 -3.22 -4.93
C PRO A 35 3.89 -2.29 -4.95
N CYS A 36 4.15 -1.01 -5.03
CA CYS A 36 3.11 -0.02 -5.21
C CYS A 36 3.12 0.48 -6.65
N GLY A 1 13.58 -1.11 -7.67
CA GLY A 1 13.10 -1.98 -6.56
C GLY A 1 11.73 -1.57 -6.06
N CYS A 2 11.27 -2.22 -5.02
CA CYS A 2 9.96 -1.92 -4.45
C CYS A 2 10.01 -0.74 -3.50
N PRO A 3 9.25 0.32 -3.77
CA PRO A 3 9.11 1.44 -2.86
C PRO A 3 8.02 1.18 -1.82
N PRO A 4 8.32 1.42 -0.53
CA PRO A 4 7.36 1.23 0.54
C PRO A 4 6.46 2.45 0.73
N CYS A 5 5.16 2.23 0.69
CA CYS A 5 4.21 3.31 0.88
C CYS A 5 3.65 3.28 2.30
N ARG A 6 4.21 4.13 3.15
CA ARG A 6 3.79 4.20 4.55
C ARG A 6 3.00 5.47 4.79
N PHE A 7 3.16 6.42 3.89
CA PHE A 7 2.39 7.66 3.93
C PHE A 7 0.97 7.42 3.44
N THR A 8 0.34 6.42 4.02
CA THR A 8 -0.97 5.96 3.61
C THR A 8 -2.02 7.07 3.69
N LEU A 9 -2.76 7.21 2.61
CA LEU A 9 -3.82 8.22 2.53
C LEU A 9 -5.13 7.61 3.01
N SER A 10 -5.06 6.36 3.45
CA SER A 10 -6.20 5.63 3.97
C SER A 10 -6.97 6.44 5.03
N PRO A 11 -6.27 7.07 6.01
CA PRO A 11 -4.86 6.86 6.30
C PRO A 11 -4.61 5.70 7.27
N TRP A 12 -5.63 5.39 8.07
CA TRP A 12 -5.46 4.47 9.19
C TRP A 12 -6.01 3.09 8.87
N VAL A 13 -6.96 3.02 7.95
CA VAL A 13 -7.53 1.74 7.53
C VAL A 13 -6.58 1.00 6.60
N SER A 14 -7.05 -0.12 6.07
CA SER A 14 -6.24 -0.98 5.22
C SER A 14 -5.60 -0.21 4.06
N PRO A 15 -4.34 -0.53 3.73
CA PRO A 15 -3.58 0.14 2.66
C PRO A 15 -4.16 -0.12 1.27
N CYS A 16 -5.05 -1.10 1.18
CA CYS A 16 -5.72 -1.40 -0.07
C CYS A 16 -6.73 -0.30 -0.41
N SER A 17 -7.31 0.29 0.62
CA SER A 17 -8.25 1.38 0.44
C SER A 17 -7.52 2.72 0.54
N ASN A 18 -6.47 2.86 -0.25
CA ASN A 18 -5.70 4.09 -0.30
C ASN A 18 -6.23 4.99 -1.42
N PRO A 19 -6.85 6.11 -1.07
CA PRO A 19 -7.44 7.06 -2.03
C PRO A 19 -6.51 7.40 -3.20
N HIS A 20 -7.11 7.59 -4.37
CA HIS A 20 -6.41 7.94 -5.62
C HIS A 20 -5.17 7.07 -5.86
N TRP A 21 -5.29 5.79 -5.53
CA TRP A 21 -4.20 4.85 -5.71
C TRP A 21 -4.73 3.42 -5.53
N PRO A 22 -5.39 2.89 -6.56
CA PRO A 22 -6.05 1.59 -6.51
C PRO A 22 -5.08 0.42 -6.68
N ILE A 23 -3.87 0.58 -6.19
CA ILE A 23 -2.85 -0.44 -6.32
C ILE A 23 -3.11 -1.57 -5.33
N ARG A 24 -3.20 -2.78 -5.88
CA ARG A 24 -3.57 -3.95 -5.11
C ARG A 24 -2.38 -4.50 -4.33
N ALA A 25 -1.20 -4.31 -4.88
CA ALA A 25 0.03 -4.87 -4.30
C ALA A 25 0.27 -4.36 -2.88
N MET A 26 -0.13 -3.12 -2.61
CA MET A 26 0.05 -2.53 -1.29
C MET A 26 -0.74 -3.29 -0.23
N CYS A 27 -1.78 -4.00 -0.67
CA CYS A 27 -2.63 -4.77 0.24
C CYS A 27 -2.02 -6.14 0.49
N ASN A 28 -1.06 -6.51 -0.34
CA ASN A 28 -0.39 -7.80 -0.25
C ASN A 28 0.75 -7.74 0.74
N ASP A 29 0.75 -6.68 1.56
CA ASP A 29 1.85 -6.36 2.49
C ASP A 29 2.22 -7.51 3.42
N SER A 30 1.41 -8.57 3.44
CA SER A 30 1.73 -9.76 4.23
C SER A 30 2.93 -10.49 3.62
N VAL A 31 3.20 -10.18 2.36
CA VAL A 31 4.35 -10.70 1.65
C VAL A 31 5.51 -9.71 1.79
N PRO A 32 6.78 -10.17 1.73
CA PRO A 32 7.95 -9.30 1.62
C PRO A 32 7.72 -8.10 0.70
N CYS A 33 8.54 -7.07 0.90
CA CYS A 33 8.34 -5.73 0.31
C CYS A 33 7.63 -5.73 -1.04
N PRO A 34 6.32 -5.41 -1.03
CA PRO A 34 5.52 -5.27 -2.23
C PRO A 34 5.62 -3.86 -2.81
N PRO A 35 5.79 -3.74 -4.13
CA PRO A 35 5.91 -2.44 -4.79
C PRO A 35 4.55 -1.79 -5.03
N CYS A 36 4.48 -0.50 -4.74
CA CYS A 36 3.29 0.28 -5.07
C CYS A 36 3.21 0.49 -6.58
N GLY A 1 13.57 -4.31 -5.90
CA GLY A 1 13.88 -3.21 -4.96
C GLY A 1 12.67 -2.34 -4.71
N CYS A 2 11.82 -2.75 -3.79
CA CYS A 2 10.58 -2.03 -3.50
C CYS A 2 10.86 -0.72 -2.77
N PRO A 3 10.34 0.40 -3.29
CA PRO A 3 10.38 1.67 -2.58
C PRO A 3 9.38 1.68 -1.43
N PRO A 4 9.81 2.10 -0.24
CA PRO A 4 8.92 2.17 0.93
C PRO A 4 7.78 3.16 0.71
N CYS A 5 6.55 2.70 0.88
CA CYS A 5 5.40 3.56 0.71
C CYS A 5 5.22 4.47 1.91
N ARG A 6 5.69 5.70 1.79
CA ARG A 6 5.60 6.66 2.86
C ARG A 6 4.19 7.22 2.95
N PHE A 7 3.71 7.70 1.82
CA PHE A 7 2.38 8.31 1.75
C PHE A 7 1.29 7.25 1.72
N THR A 8 1.05 6.66 2.87
CA THR A 8 -0.08 5.76 3.02
C THR A 8 -1.38 6.53 2.95
N LEU A 9 -2.03 6.45 1.81
CA LEU A 9 -3.22 7.24 1.54
C LEU A 9 -4.45 6.49 2.05
N SER A 10 -4.21 5.65 3.02
CA SER A 10 -5.22 4.77 3.58
C SER A 10 -6.28 5.54 4.40
N PRO A 11 -5.89 6.50 5.28
CA PRO A 11 -4.50 6.83 5.60
C PRO A 11 -3.89 5.97 6.71
N TRP A 12 -4.70 5.66 7.73
CA TRP A 12 -4.22 4.93 8.90
C TRP A 12 -4.79 3.52 8.94
N VAL A 13 -5.75 3.25 8.07
CA VAL A 13 -6.37 1.94 8.02
C VAL A 13 -5.53 0.97 7.18
N SER A 14 -6.04 -0.25 7.01
CA SER A 14 -5.36 -1.25 6.22
C SER A 14 -5.03 -0.71 4.82
N PRO A 15 -3.76 -0.87 4.38
CA PRO A 15 -3.25 -0.31 3.12
C PRO A 15 -3.98 -0.85 1.89
N CYS A 16 -4.72 -1.94 2.05
CA CYS A 16 -5.53 -2.46 0.96
C CYS A 16 -6.73 -1.56 0.71
N SER A 17 -7.21 -0.91 1.76
CA SER A 17 -8.32 0.01 1.65
C SER A 17 -7.80 1.42 1.38
N ASN A 18 -6.90 1.50 0.40
CA ASN A 18 -6.23 2.75 0.07
C ASN A 18 -6.96 3.45 -1.08
N PRO A 19 -7.72 4.51 -0.77
CA PRO A 19 -8.50 5.24 -1.77
C PRO A 19 -7.65 6.16 -2.64
N HIS A 20 -8.22 6.59 -3.76
CA HIS A 20 -7.56 7.46 -4.75
C HIS A 20 -6.14 6.96 -5.08
N TRP A 21 -6.04 5.65 -5.31
CA TRP A 21 -4.77 5.02 -5.61
C TRP A 21 -5.00 3.71 -6.36
N PRO A 22 -4.78 3.70 -7.68
CA PRO A 22 -5.15 2.57 -8.53
C PRO A 22 -4.27 1.33 -8.32
N ILE A 23 -3.17 1.50 -7.60
CA ILE A 23 -2.26 0.39 -7.33
C ILE A 23 -2.80 -0.47 -6.19
N ARG A 24 -3.25 -1.66 -6.54
CA ARG A 24 -3.84 -2.59 -5.58
C ARG A 24 -2.77 -3.35 -4.80
N ALA A 25 -1.54 -3.30 -5.30
CA ALA A 25 -0.41 -4.04 -4.71
C ALA A 25 -0.28 -3.85 -3.20
N MET A 26 -0.72 -2.69 -2.70
CA MET A 26 -0.64 -2.41 -1.27
C MET A 26 -1.53 -3.34 -0.46
N CYS A 27 -2.45 -4.01 -1.15
CA CYS A 27 -3.34 -4.98 -0.53
C CYS A 27 -2.60 -6.27 -0.21
N ASN A 28 -1.41 -6.41 -0.78
CA ASN A 28 -0.59 -7.60 -0.60
C ASN A 28 0.32 -7.44 0.62
N ASP A 29 0.04 -6.44 1.44
CA ASP A 29 0.91 -6.06 2.56
C ASP A 29 1.28 -7.23 3.48
N SER A 30 0.49 -8.29 3.47
CA SER A 30 0.77 -9.47 4.28
C SER A 30 2.01 -10.21 3.77
N VAL A 31 2.38 -9.90 2.54
CA VAL A 31 3.58 -10.44 1.93
C VAL A 31 4.73 -9.44 2.11
N PRO A 32 6.00 -9.89 2.13
CA PRO A 32 7.16 -9.01 2.14
C PRO A 32 6.97 -7.77 1.26
N CYS A 33 7.66 -6.70 1.65
CA CYS A 33 7.46 -5.33 1.13
C CYS A 33 6.98 -5.29 -0.32
N PRO A 34 5.68 -5.04 -0.53
CA PRO A 34 5.11 -4.80 -1.84
C PRO A 34 5.23 -3.32 -2.21
N PRO A 35 5.65 -3.02 -3.44
CA PRO A 35 5.81 -1.65 -3.89
C PRO A 35 4.51 -1.06 -4.42
N CYS A 36 4.17 0.14 -3.96
CA CYS A 36 3.05 0.87 -4.49
C CYS A 36 3.44 1.64 -5.75
N GLY A 1 13.67 -3.61 -8.06
CA GLY A 1 13.70 -2.69 -6.90
C GLY A 1 12.31 -2.24 -6.50
N CYS A 2 11.74 -2.91 -5.52
CA CYS A 2 10.39 -2.65 -5.08
C CYS A 2 10.32 -1.41 -4.19
N PRO A 3 9.49 -0.43 -4.55
CA PRO A 3 9.15 0.64 -3.63
C PRO A 3 7.87 0.30 -2.86
N PRO A 4 7.92 0.38 -1.52
CA PRO A 4 6.77 0.14 -0.67
C PRO A 4 5.94 1.40 -0.44
N CYS A 5 4.70 1.22 -0.02
CA CYS A 5 3.87 2.34 0.38
C CYS A 5 3.47 2.17 1.84
N ARG A 6 4.19 2.85 2.72
CA ARG A 6 3.97 2.73 4.15
C ARG A 6 3.09 3.86 4.64
N PHE A 7 3.25 5.03 4.03
CA PHE A 7 2.43 6.18 4.35
C PHE A 7 1.03 6.04 3.76
N THR A 8 0.29 5.08 4.30
CA THR A 8 -1.05 4.79 3.83
C THR A 8 -1.94 6.04 3.84
N LEU A 9 -2.61 6.27 2.72
CA LEU A 9 -3.50 7.43 2.57
C LEU A 9 -4.91 7.00 2.90
N SER A 10 -5.01 5.84 3.53
CA SER A 10 -6.28 5.24 3.90
C SER A 10 -7.06 6.05 4.96
N PRO A 11 -6.40 6.76 5.92
CA PRO A 11 -4.97 6.71 6.17
C PRO A 11 -4.56 5.64 7.18
N TRP A 12 -5.52 5.14 7.95
CA TRP A 12 -5.20 4.21 9.04
C TRP A 12 -5.80 2.84 8.80
N VAL A 13 -6.87 2.77 8.00
CA VAL A 13 -7.49 1.50 7.66
C VAL A 13 -6.63 0.72 6.68
N SER A 14 -7.14 -0.43 6.21
CA SER A 14 -6.40 -1.34 5.35
C SER A 14 -5.75 -0.62 4.16
N PRO A 15 -4.51 -1.00 3.83
CA PRO A 15 -3.73 -0.37 2.76
C PRO A 15 -4.34 -0.56 1.38
N CYS A 16 -5.20 -1.56 1.23
CA CYS A 16 -5.88 -1.80 -0.02
C CYS A 16 -6.97 -0.75 -0.25
N SER A 17 -7.61 -0.34 0.83
CA SER A 17 -8.61 0.72 0.75
C SER A 17 -7.91 2.08 0.78
N ASN A 18 -7.19 2.37 -0.29
CA ASN A 18 -6.37 3.56 -0.36
C ASN A 18 -6.78 4.41 -1.57
N PRO A 19 -7.26 5.63 -1.32
CA PRO A 19 -7.73 6.52 -2.38
C PRO A 19 -6.57 7.29 -3.00
N HIS A 20 -6.80 7.87 -4.18
CA HIS A 20 -5.79 8.63 -4.90
C HIS A 20 -4.71 7.71 -5.48
N TRP A 21 -4.25 6.75 -4.68
CA TRP A 21 -3.27 5.77 -5.10
C TRP A 21 -3.89 4.39 -5.02
N PRO A 22 -4.68 4.00 -6.04
CA PRO A 22 -5.50 2.79 -6.01
C PRO A 22 -4.76 1.53 -6.44
N ILE A 23 -3.49 1.44 -6.08
CA ILE A 23 -2.68 0.28 -6.39
C ILE A 23 -3.17 -0.95 -5.63
N ARG A 24 -3.37 -2.04 -6.36
CA ARG A 24 -3.94 -3.25 -5.77
C ARG A 24 -2.88 -4.05 -5.02
N ALA A 25 -1.64 -4.00 -5.51
CA ALA A 25 -0.55 -4.78 -4.94
C ALA A 25 -0.17 -4.31 -3.54
N MET A 26 -0.48 -3.05 -3.23
CA MET A 26 -0.11 -2.49 -1.93
C MET A 26 -0.94 -3.12 -0.80
N CYS A 27 -1.93 -3.92 -1.18
CA CYS A 27 -2.74 -4.66 -0.22
C CYS A 27 -1.94 -5.83 0.36
N ASN A 28 -0.84 -6.15 -0.29
CA ASN A 28 0.00 -7.28 0.10
C ASN A 28 1.00 -6.87 1.18
N ASP A 29 0.75 -5.69 1.76
CA ASP A 29 1.68 -5.05 2.71
C ASP A 29 2.07 -5.95 3.90
N SER A 30 1.33 -7.02 4.12
CA SER A 30 1.63 -7.94 5.21
C SER A 30 2.94 -8.69 4.93
N VAL A 31 3.34 -8.70 3.68
CA VAL A 31 4.60 -9.29 3.25
C VAL A 31 5.69 -8.22 3.24
N PRO A 32 6.99 -8.58 3.43
CA PRO A 32 8.11 -7.66 3.20
C PRO A 32 8.02 -6.94 1.85
N CYS A 33 8.97 -6.03 1.59
CA CYS A 33 8.86 -5.01 0.52
C CYS A 33 7.98 -5.40 -0.67
N PRO A 34 6.71 -4.97 -0.64
CA PRO A 34 5.79 -5.10 -1.76
C PRO A 34 5.88 -3.89 -2.68
N PRO A 35 5.93 -4.11 -4.00
CA PRO A 35 5.98 -3.02 -4.96
C PRO A 35 4.60 -2.41 -5.22
N CYS A 36 4.52 -1.11 -5.16
CA CYS A 36 3.29 -0.41 -5.52
C CYS A 36 3.26 -0.15 -7.02
N GLY A 1 13.49 -2.87 -4.40
CA GLY A 1 13.10 -3.47 -3.10
C GLY A 1 11.86 -2.84 -2.53
N CYS A 2 12.03 -2.07 -1.47
CA CYS A 2 10.90 -1.42 -0.82
C CYS A 2 10.65 -0.04 -1.43
N PRO A 3 9.45 0.19 -1.98
CA PRO A 3 9.06 1.47 -2.57
C PRO A 3 8.51 2.42 -1.50
N PRO A 4 8.98 3.68 -1.51
CA PRO A 4 8.55 4.67 -0.52
C PRO A 4 7.12 5.18 -0.79
N CYS A 5 6.27 5.07 0.22
CA CYS A 5 4.90 5.54 0.14
C CYS A 5 4.85 7.00 0.54
N ARG A 6 4.64 7.86 -0.46
CA ARG A 6 4.67 9.30 -0.29
C ARG A 6 3.59 9.76 0.66
N PHE A 7 2.34 9.65 0.21
CA PHE A 7 1.21 10.05 1.01
C PHE A 7 0.13 9.00 0.94
N THR A 8 0.25 7.97 1.77
CA THR A 8 -0.80 6.99 1.91
C THR A 8 -2.06 7.67 2.40
N LEU A 9 -3.18 7.44 1.73
CA LEU A 9 -4.41 8.16 2.03
C LEU A 9 -5.26 7.36 3.01
N SER A 10 -4.70 6.29 3.54
CA SER A 10 -5.38 5.47 4.54
C SER A 10 -5.72 6.30 5.81
N PRO A 11 -4.74 7.02 6.42
CA PRO A 11 -3.32 6.95 6.08
C PRO A 11 -2.57 5.88 6.88
N TRP A 12 -3.22 5.35 7.92
CA TRP A 12 -2.54 4.42 8.83
C TRP A 12 -3.16 3.03 8.74
N VAL A 13 -4.42 2.98 8.35
CA VAL A 13 -5.12 1.71 8.16
C VAL A 13 -4.66 1.00 6.89
N SER A 14 -5.33 -0.09 6.55
CA SER A 14 -4.95 -0.92 5.41
C SER A 14 -4.75 -0.09 4.15
N PRO A 15 -3.58 -0.24 3.51
CA PRO A 15 -3.30 0.41 2.23
C PRO A 15 -4.12 -0.20 1.09
N CYS A 16 -4.74 -1.34 1.37
CA CYS A 16 -5.62 -1.97 0.42
C CYS A 16 -6.97 -1.26 0.42
N SER A 17 -7.30 -0.66 1.56
CA SER A 17 -8.53 0.11 1.69
C SER A 17 -8.27 1.59 1.45
N ASN A 18 -7.10 1.86 0.89
CA ASN A 18 -6.70 3.22 0.53
C ASN A 18 -7.40 3.62 -0.77
N PRO A 19 -8.23 4.67 -0.72
CA PRO A 19 -8.93 5.17 -1.89
C PRO A 19 -8.09 6.19 -2.63
N HIS A 20 -8.39 6.38 -3.90
CA HIS A 20 -7.60 7.28 -4.74
C HIS A 20 -6.16 6.76 -4.80
N TRP A 21 -6.05 5.44 -4.94
CA TRP A 21 -4.76 4.79 -4.96
C TRP A 21 -4.79 3.62 -5.95
N PRO A 22 -4.16 3.81 -7.11
CA PRO A 22 -4.23 2.85 -8.22
C PRO A 22 -3.39 1.60 -7.98
N ILE A 23 -2.65 1.61 -6.90
CA ILE A 23 -1.79 0.49 -6.56
C ILE A 23 -2.55 -0.52 -5.72
N ARG A 24 -3.26 -1.42 -6.39
CA ARG A 24 -4.04 -2.44 -5.72
C ARG A 24 -3.12 -3.55 -5.22
N ALA A 25 -1.90 -3.57 -5.74
CA ALA A 25 -0.92 -4.58 -5.39
C ALA A 25 -0.50 -4.48 -3.92
N MET A 26 -0.81 -3.37 -3.27
CA MET A 26 -0.48 -3.21 -1.85
C MET A 26 -1.34 -4.12 -0.99
N CYS A 27 -2.33 -4.76 -1.61
CA CYS A 27 -3.20 -5.71 -0.92
C CYS A 27 -2.46 -7.03 -0.68
N ASN A 28 -1.33 -7.18 -1.37
CA ASN A 28 -0.53 -8.41 -1.29
C ASN A 28 0.34 -8.41 -0.03
N ASP A 29 0.01 -7.54 0.92
CA ASP A 29 0.80 -7.30 2.15
C ASP A 29 1.16 -8.59 2.92
N SER A 30 0.48 -9.69 2.61
CA SER A 30 0.80 -10.98 3.25
C SER A 30 2.16 -11.50 2.79
N VAL A 31 2.68 -10.89 1.72
CA VAL A 31 4.02 -11.20 1.22
C VAL A 31 5.03 -10.26 1.90
N PRO A 32 6.31 -10.68 2.03
CA PRO A 32 7.39 -9.76 2.45
C PRO A 32 7.34 -8.43 1.69
N CYS A 33 8.20 -7.47 2.10
CA CYS A 33 8.05 -6.05 1.73
C CYS A 33 7.32 -5.83 0.41
N PRO A 34 6.05 -5.40 0.49
CA PRO A 34 5.15 -5.29 -0.66
C PRO A 34 5.40 -4.03 -1.49
N PRO A 35 4.79 -3.96 -2.69
CA PRO A 35 4.87 -2.79 -3.55
C PRO A 35 4.08 -1.60 -3.00
N CYS A 36 4.22 -0.46 -3.66
CA CYS A 36 3.61 0.79 -3.25
C CYS A 36 3.89 1.85 -4.32
N GLY A 1 14.39 -3.16 -4.62
CA GLY A 1 13.88 -2.48 -3.40
C GLY A 1 12.38 -2.35 -3.44
N CYS A 2 11.76 -2.36 -2.27
CA CYS A 2 10.32 -2.19 -2.17
C CYS A 2 9.97 -0.70 -2.05
N PRO A 3 9.18 -0.17 -2.99
CA PRO A 3 8.76 1.23 -2.94
C PRO A 3 7.68 1.46 -1.88
N PRO A 4 7.88 2.46 -1.02
CA PRO A 4 6.96 2.78 0.06
C PRO A 4 5.83 3.71 -0.37
N CYS A 5 4.75 3.72 0.41
CA CYS A 5 3.65 4.64 0.19
C CYS A 5 3.95 5.96 0.89
N ARG A 6 4.07 7.02 0.11
CA ARG A 6 4.52 8.31 0.61
C ARG A 6 3.43 9.03 1.39
N PHE A 7 2.30 9.25 0.75
CA PHE A 7 1.23 10.01 1.35
C PHE A 7 -0.02 9.16 1.49
N THR A 8 0.07 8.19 2.37
CA THR A 8 -1.06 7.32 2.68
C THR A 8 -2.28 8.12 3.13
N LEU A 9 -3.36 7.99 2.39
CA LEU A 9 -4.61 8.65 2.72
C LEU A 9 -5.49 7.69 3.51
N SER A 10 -4.98 6.48 3.73
CA SER A 10 -5.69 5.45 4.48
C SER A 10 -6.24 5.97 5.82
N PRO A 11 -5.40 6.65 6.66
CA PRO A 11 -3.96 6.71 6.52
C PRO A 11 -3.25 5.57 7.26
N TRP A 12 -3.89 5.08 8.32
CA TRP A 12 -3.25 4.14 9.23
C TRP A 12 -3.75 2.71 9.02
N VAL A 13 -4.76 2.55 8.18
CA VAL A 13 -5.25 1.22 7.85
C VAL A 13 -4.45 0.65 6.69
N SER A 14 -4.85 -0.51 6.22
CA SER A 14 -4.17 -1.18 5.11
C SER A 14 -4.07 -0.25 3.89
N PRO A 15 -2.86 -0.14 3.30
CA PRO A 15 -2.62 0.69 2.11
C PRO A 15 -3.47 0.27 0.91
N CYS A 16 -3.95 -0.96 0.94
CA CYS A 16 -4.89 -1.42 -0.07
C CYS A 16 -6.17 -0.59 -0.01
N SER A 17 -6.51 -0.15 1.20
CA SER A 17 -7.67 0.67 1.43
C SER A 17 -7.25 2.14 1.51
N ASN A 18 -6.53 2.57 0.49
CA ASN A 18 -6.03 3.93 0.42
C ASN A 18 -6.80 4.71 -0.62
N PRO A 19 -7.51 5.78 -0.20
CA PRO A 19 -8.23 6.66 -1.12
C PRO A 19 -7.36 7.07 -2.31
N HIS A 20 -7.85 6.77 -3.51
CA HIS A 20 -7.13 7.03 -4.75
C HIS A 20 -5.86 6.19 -4.82
N TRP A 21 -6.02 4.88 -4.82
CA TRP A 21 -4.88 3.98 -4.90
C TRP A 21 -5.17 2.81 -5.83
N PRO A 22 -4.85 2.96 -7.13
CA PRO A 22 -5.07 1.91 -8.13
C PRO A 22 -4.15 0.71 -7.94
N ILE A 23 -3.08 0.91 -7.18
CA ILE A 23 -2.09 -0.13 -6.95
C ILE A 23 -2.67 -1.24 -6.08
N ARG A 24 -3.05 -2.33 -6.72
CA ARG A 24 -3.58 -3.49 -6.02
C ARG A 24 -2.46 -4.33 -5.41
N ALA A 25 -1.24 -4.10 -5.88
CA ALA A 25 -0.08 -4.84 -5.40
C ALA A 25 0.10 -4.69 -3.89
N MET A 26 -0.21 -3.51 -3.37
CA MET A 26 -0.07 -3.25 -1.94
C MET A 26 -1.08 -4.04 -1.12
N CYS A 27 -1.99 -4.72 -1.80
CA CYS A 27 -3.00 -5.55 -1.13
C CYS A 27 -2.41 -6.90 -0.78
N ASN A 28 -1.25 -7.18 -1.36
CA ASN A 28 -0.52 -8.42 -1.13
C ASN A 28 0.23 -8.38 0.20
N ASP A 29 -0.18 -7.44 1.06
CA ASP A 29 0.53 -7.09 2.30
C ASP A 29 0.87 -8.29 3.20
N SER A 30 0.27 -9.44 2.94
CA SER A 30 0.61 -10.66 3.66
C SER A 30 2.03 -11.13 3.28
N VAL A 31 2.51 -10.62 2.16
CA VAL A 31 3.86 -10.88 1.69
C VAL A 31 4.79 -9.77 2.20
N PRO A 32 6.10 -10.03 2.38
CA PRO A 32 7.09 -9.00 2.72
C PRO A 32 6.95 -7.73 1.86
N CYS A 33 7.69 -6.67 2.20
CA CYS A 33 7.44 -5.30 1.72
C CYS A 33 6.77 -5.24 0.35
N PRO A 34 5.44 -4.99 0.33
CA PRO A 34 4.68 -4.85 -0.90
C PRO A 34 4.98 -3.53 -1.59
N PRO A 35 4.96 -3.51 -2.93
CA PRO A 35 5.26 -2.30 -3.68
C PRO A 35 4.08 -1.33 -3.76
N CYS A 36 4.35 -0.08 -3.42
CA CYS A 36 3.39 0.99 -3.61
C CYS A 36 3.55 1.61 -4.99
N GLY A 1 13.97 -2.67 -4.67
CA GLY A 1 12.90 -2.98 -5.66
C GLY A 1 11.58 -2.34 -5.29
N CYS A 2 10.97 -2.84 -4.21
CA CYS A 2 9.69 -2.31 -3.74
C CYS A 2 9.87 -0.95 -3.09
N PRO A 3 9.18 0.08 -3.62
CA PRO A 3 9.23 1.43 -3.05
C PRO A 3 8.45 1.52 -1.74
N PRO A 4 9.03 2.13 -0.70
CA PRO A 4 8.37 2.28 0.59
C PRO A 4 7.09 3.09 0.49
N CYS A 5 6.00 2.54 0.99
CA CYS A 5 4.71 3.20 0.91
C CYS A 5 4.54 4.12 2.10
N ARG A 6 4.80 5.40 1.88
CA ARG A 6 4.78 6.39 2.96
C ARG A 6 3.51 7.23 2.90
N PHE A 7 3.15 7.63 1.68
CA PHE A 7 1.99 8.50 1.48
C PHE A 7 0.68 7.69 1.53
N THR A 8 0.52 6.94 2.59
CA THR A 8 -0.68 6.15 2.79
C THR A 8 -1.85 7.04 3.18
N LEU A 9 -2.88 7.02 2.35
CA LEU A 9 -4.08 7.81 2.60
C LEU A 9 -5.13 6.93 3.26
N SER A 10 -4.73 5.71 3.59
CA SER A 10 -5.59 4.74 4.28
C SER A 10 -6.27 5.33 5.53
N PRO A 11 -5.54 6.07 6.39
CA PRO A 11 -4.10 6.27 6.33
C PRO A 11 -3.30 5.21 7.11
N TRP A 12 -3.93 4.61 8.12
CA TRP A 12 -3.20 3.76 9.05
C TRP A 12 -3.47 2.28 8.79
N VAL A 13 -4.61 1.99 8.21
CA VAL A 13 -4.97 0.62 7.84
C VAL A 13 -4.25 0.20 6.57
N SER A 14 -4.58 -0.99 6.07
CA SER A 14 -4.00 -1.51 4.85
C SER A 14 -4.07 -0.50 3.69
N PRO A 15 -2.98 -0.41 2.90
CA PRO A 15 -2.95 0.43 1.69
C PRO A 15 -3.99 -0.04 0.67
N CYS A 16 -4.49 -1.25 0.86
CA CYS A 16 -5.55 -1.78 0.01
C CYS A 16 -6.82 -0.94 0.16
N SER A 17 -6.93 -0.28 1.31
CA SER A 17 -8.07 0.58 1.58
C SER A 17 -7.68 2.05 1.41
N ASN A 18 -6.86 2.31 0.40
CA ASN A 18 -6.36 3.65 0.13
C ASN A 18 -7.29 4.36 -0.85
N PRO A 19 -7.89 5.48 -0.45
CA PRO A 19 -8.72 6.31 -1.33
C PRO A 19 -7.84 6.99 -2.37
N HIS A 20 -8.16 6.79 -3.65
CA HIS A 20 -7.32 7.25 -4.75
C HIS A 20 -6.04 6.41 -4.81
N TRP A 21 -5.32 6.43 -5.94
CA TRP A 21 -4.08 5.65 -6.07
C TRP A 21 -4.41 4.15 -6.06
N PRO A 22 -4.65 3.58 -7.25
CA PRO A 22 -5.11 2.20 -7.40
C PRO A 22 -4.09 1.16 -6.91
N ILE A 23 -3.16 0.75 -7.78
CA ILE A 23 -2.10 -0.22 -7.44
C ILE A 23 -2.61 -1.33 -6.51
N ARG A 24 -3.16 -2.38 -7.10
CA ARG A 24 -3.75 -3.46 -6.32
C ARG A 24 -2.70 -4.31 -5.65
N ALA A 25 -1.45 -4.18 -6.10
CA ALA A 25 -0.34 -4.95 -5.54
C ALA A 25 -0.12 -4.63 -4.07
N MET A 26 -0.42 -3.41 -3.66
CA MET A 26 -0.20 -2.98 -2.28
C MET A 26 -1.24 -3.58 -1.35
N CYS A 27 -2.20 -4.31 -1.91
CA CYS A 27 -3.19 -5.01 -1.13
C CYS A 27 -2.58 -6.25 -0.49
N ASN A 28 -1.40 -6.61 -0.98
CA ASN A 28 -0.66 -7.76 -0.49
C ASN A 28 0.15 -7.40 0.75
N ASP A 29 -0.18 -6.25 1.35
CA ASP A 29 0.62 -5.62 2.40
C ASP A 29 0.96 -6.52 3.59
N SER A 30 0.21 -7.59 3.77
CA SER A 30 0.46 -8.52 4.87
C SER A 30 1.77 -9.28 4.65
N VAL A 31 2.24 -9.28 3.41
CA VAL A 31 3.53 -9.85 3.06
C VAL A 31 4.61 -8.78 3.29
N PRO A 32 5.87 -9.16 3.56
CA PRO A 32 7.00 -8.22 3.60
C PRO A 32 7.01 -7.22 2.44
N CYS A 33 7.95 -6.28 2.46
CA CYS A 33 7.94 -5.07 1.61
C CYS A 33 7.21 -5.25 0.26
N PRO A 34 5.93 -4.84 0.21
CA PRO A 34 5.14 -4.83 -1.01
C PRO A 34 5.30 -3.51 -1.76
N PRO A 35 5.32 -3.55 -3.10
CA PRO A 35 5.50 -2.36 -3.90
C PRO A 35 4.21 -1.55 -4.08
N CYS A 36 4.28 -0.26 -3.83
CA CYS A 36 3.17 0.64 -4.08
C CYS A 36 3.55 1.57 -5.23
N GLY A 1 12.70 -3.93 -4.73
CA GLY A 1 12.96 -2.60 -4.10
C GLY A 1 11.68 -1.87 -3.79
N CYS A 2 11.11 -2.14 -2.63
CA CYS A 2 9.86 -1.51 -2.23
C CYS A 2 10.13 -0.21 -1.49
N PRO A 3 9.54 0.90 -1.96
CA PRO A 3 9.61 2.17 -1.27
C PRO A 3 8.69 2.18 -0.04
N PRO A 4 9.20 2.67 1.10
CA PRO A 4 8.40 2.76 2.33
C PRO A 4 7.15 3.61 2.11
N CYS A 5 6.00 3.04 2.41
CA CYS A 5 4.74 3.73 2.19
C CYS A 5 4.33 4.45 3.46
N ARG A 6 4.61 5.74 3.52
CA ARG A 6 4.31 6.55 4.68
C ARG A 6 3.28 7.60 4.31
N PHE A 7 3.41 8.12 3.10
CA PHE A 7 2.47 9.08 2.57
C PHE A 7 1.28 8.38 1.94
N THR A 8 0.70 7.45 2.67
CA THR A 8 -0.45 6.72 2.19
C THR A 8 -1.69 7.57 2.34
N LEU A 9 -2.65 7.37 1.47
CA LEU A 9 -3.81 8.25 1.41
C LEU A 9 -5.00 7.57 2.07
N SER A 10 -4.69 6.56 2.86
CA SER A 10 -5.68 5.81 3.64
C SER A 10 -6.57 6.75 4.48
N PRO A 11 -5.99 7.77 5.17
CA PRO A 11 -4.56 7.98 5.31
C PRO A 11 -3.94 7.26 6.53
N TRP A 12 -4.78 6.85 7.47
CA TRP A 12 -4.29 6.32 8.74
C TRP A 12 -4.50 4.83 8.89
N VAL A 13 -5.50 4.30 8.19
CA VAL A 13 -5.75 2.85 8.22
C VAL A 13 -4.78 2.12 7.30
N SER A 14 -5.00 0.82 7.15
CA SER A 14 -4.15 -0.02 6.31
C SER A 14 -4.05 0.57 4.89
N PRO A 15 -2.84 0.49 4.29
CA PRO A 15 -2.56 1.08 2.96
C PRO A 15 -3.36 0.45 1.82
N CYS A 16 -3.99 -0.69 2.07
CA CYS A 16 -4.89 -1.29 1.08
C CYS A 16 -6.24 -0.58 1.12
N SER A 17 -6.59 -0.07 2.29
CA SER A 17 -7.84 0.66 2.46
C SER A 17 -7.63 2.12 2.10
N ASN A 18 -7.07 2.32 0.91
CA ASN A 18 -6.71 3.63 0.42
C ASN A 18 -7.62 4.01 -0.74
N PRO A 19 -8.38 5.10 -0.61
CA PRO A 19 -9.30 5.55 -1.66
C PRO A 19 -8.55 5.96 -2.92
N HIS A 20 -9.19 5.74 -4.08
CA HIS A 20 -8.57 5.99 -5.40
C HIS A 20 -7.12 5.49 -5.45
N TRP A 21 -6.94 4.22 -5.10
CA TRP A 21 -5.62 3.61 -5.06
C TRP A 21 -5.58 2.40 -5.99
N PRO A 22 -5.15 2.61 -7.25
CA PRO A 22 -5.09 1.52 -8.25
C PRO A 22 -4.08 0.45 -7.88
N ILE A 23 -3.15 0.82 -7.02
CA ILE A 23 -2.06 -0.06 -6.60
C ILE A 23 -2.60 -1.26 -5.81
N ARG A 24 -2.73 -2.39 -6.48
CA ARG A 24 -3.22 -3.60 -5.85
C ARG A 24 -2.12 -4.28 -5.05
N ALA A 25 -0.87 -3.95 -5.38
CA ALA A 25 0.30 -4.56 -4.76
C ALA A 25 0.28 -4.42 -3.24
N MET A 26 -0.19 -3.29 -2.75
CA MET A 26 -0.20 -3.01 -1.32
C MET A 26 -1.19 -3.92 -0.58
N CYS A 27 -2.14 -4.48 -1.34
CA CYS A 27 -3.12 -5.40 -0.78
C CYS A 27 -2.59 -6.81 -0.79
N ASN A 28 -1.51 -7.01 -1.53
CA ASN A 28 -0.88 -8.31 -1.68
C ASN A 28 0.15 -8.53 -0.56
N ASP A 29 0.03 -7.73 0.50
CA ASP A 29 1.00 -7.67 1.60
C ASP A 29 1.35 -9.05 2.19
N SER A 30 0.59 -10.08 1.85
CA SER A 30 0.90 -11.43 2.28
C SER A 30 2.18 -11.92 1.59
N VAL A 31 2.51 -11.26 0.49
CA VAL A 31 3.76 -11.50 -0.22
C VAL A 31 4.85 -10.61 0.37
N PRO A 32 6.14 -11.02 0.29
CA PRO A 32 7.28 -10.15 0.61
C PRO A 32 7.07 -8.70 0.17
N CYS A 33 7.69 -7.78 0.92
CA CYS A 33 7.45 -6.33 0.83
C CYS A 33 7.11 -5.85 -0.58
N PRO A 34 5.81 -5.56 -0.81
CA PRO A 34 5.33 -5.02 -2.08
C PRO A 34 5.46 -3.50 -2.14
N PRO A 35 5.70 -2.95 -3.34
CA PRO A 35 5.87 -1.51 -3.53
C PRO A 35 4.55 -0.79 -3.79
N CYS A 36 4.37 0.34 -3.10
CA CYS A 36 3.27 1.25 -3.41
C CYS A 36 3.63 2.13 -4.60
N GLY A 1 15.55 -2.42 -3.03
CA GLY A 1 15.41 -0.97 -2.78
C GLY A 1 14.01 -0.46 -3.07
N CYS A 2 13.01 -1.33 -2.96
CA CYS A 2 11.63 -0.93 -3.17
C CYS A 2 11.10 -0.22 -1.94
N PRO A 3 10.51 0.97 -2.11
CA PRO A 3 10.00 1.77 -1.00
C PRO A 3 8.75 1.16 -0.37
N PRO A 4 8.71 1.06 0.97
CA PRO A 4 7.52 0.65 1.70
C PRO A 4 6.46 1.75 1.71
N CYS A 5 5.20 1.37 1.90
CA CYS A 5 4.08 2.30 1.88
C CYS A 5 4.18 3.27 3.06
N ARG A 6 4.64 4.49 2.78
CA ARG A 6 4.83 5.49 3.81
C ARG A 6 3.75 6.56 3.73
N PHE A 7 3.68 7.26 2.60
CA PHE A 7 2.74 8.39 2.47
C PHE A 7 1.36 7.94 2.00
N THR A 8 0.83 6.96 2.70
CA THR A 8 -0.47 6.38 2.37
C THR A 8 -1.59 7.42 2.44
N LEU A 9 -2.62 7.23 1.63
CA LEU A 9 -3.73 8.16 1.57
C LEU A 9 -4.85 7.70 2.51
N SER A 10 -4.57 6.65 3.26
CA SER A 10 -5.54 6.12 4.21
C SER A 10 -5.84 7.13 5.33
N PRO A 11 -4.81 7.71 6.01
CA PRO A 11 -3.41 7.33 5.86
C PRO A 11 -2.97 6.21 6.81
N TRP A 12 -3.69 6.07 7.92
CA TRP A 12 -3.27 5.14 8.98
C TRP A 12 -4.11 3.87 8.97
N VAL A 13 -5.34 3.98 8.45
CA VAL A 13 -6.21 2.81 8.29
C VAL A 13 -5.74 1.94 7.12
N SER A 14 -6.53 0.93 6.79
CA SER A 14 -6.19 -0.02 5.73
C SER A 14 -5.78 0.70 4.44
N PRO A 15 -4.54 0.45 3.97
CA PRO A 15 -4.06 0.95 2.69
C PRO A 15 -4.70 0.21 1.52
N CYS A 16 -5.03 -1.06 1.73
CA CYS A 16 -5.68 -1.86 0.71
C CYS A 16 -7.07 -1.30 0.42
N SER A 17 -7.75 -0.88 1.46
CA SER A 17 -9.05 -0.24 1.30
C SER A 17 -8.89 1.27 1.30
N ASN A 18 -8.13 1.76 0.32
CA ASN A 18 -7.84 3.18 0.21
C ASN A 18 -8.26 3.70 -1.16
N PRO A 19 -9.16 4.70 -1.19
CA PRO A 19 -9.58 5.34 -2.43
C PRO A 19 -8.47 6.17 -3.06
N HIS A 20 -8.65 6.52 -4.34
CA HIS A 20 -7.67 7.28 -5.13
C HIS A 20 -6.24 6.74 -4.96
N TRP A 21 -6.12 5.42 -5.01
CA TRP A 21 -4.84 4.74 -5.00
C TRP A 21 -4.97 3.44 -5.79
N PRO A 22 -4.62 3.48 -7.09
CA PRO A 22 -4.86 2.37 -8.01
C PRO A 22 -3.92 1.19 -7.78
N ILE A 23 -2.91 1.40 -6.95
CA ILE A 23 -1.95 0.36 -6.64
C ILE A 23 -2.58 -0.69 -5.72
N ARG A 24 -3.11 -1.75 -6.32
CA ARG A 24 -3.78 -2.80 -5.57
C ARG A 24 -2.78 -3.75 -4.93
N ALA A 25 -1.57 -3.80 -5.48
CA ALA A 25 -0.54 -4.74 -5.05
C ALA A 25 -0.17 -4.57 -3.58
N MET A 26 -0.35 -3.37 -3.06
CA MET A 26 -0.01 -3.08 -1.66
C MET A 26 -0.92 -3.86 -0.70
N CYS A 27 -2.00 -4.44 -1.24
CA CYS A 27 -2.91 -5.24 -0.44
C CYS A 27 -2.28 -6.58 -0.08
N ASN A 28 -1.19 -6.89 -0.78
CA ASN A 28 -0.42 -8.11 -0.56
C ASN A 28 0.67 -7.87 0.49
N ASP A 29 0.54 -6.77 1.22
CA ASP A 29 1.59 -6.22 2.10
C ASP A 29 2.20 -7.24 3.07
N SER A 30 1.48 -8.32 3.36
CA SER A 30 1.99 -9.34 4.28
C SER A 30 3.16 -10.10 3.65
N VAL A 31 3.19 -10.13 2.32
CA VAL A 31 4.28 -10.75 1.59
C VAL A 31 5.48 -9.80 1.57
N PRO A 32 6.73 -10.31 1.49
CA PRO A 32 7.92 -9.48 1.26
C PRO A 32 7.67 -8.32 0.30
N CYS A 33 8.47 -7.26 0.46
CA CYS A 33 8.23 -5.94 -0.16
C CYS A 33 7.49 -6.01 -1.49
N PRO A 34 6.17 -5.77 -1.45
CA PRO A 34 5.32 -5.76 -2.63
C PRO A 34 5.25 -4.37 -3.27
N PRO A 35 4.79 -4.29 -4.53
CA PRO A 35 4.62 -3.01 -5.22
C PRO A 35 3.66 -2.08 -4.48
N CYS A 36 4.10 -0.84 -4.30
CA CYS A 36 3.33 0.16 -3.62
C CYS A 36 3.66 1.52 -4.22
N GLY A 1 14.70 -4.76 -3.37
CA GLY A 1 14.82 -3.29 -3.15
C GLY A 1 13.47 -2.61 -3.18
N CYS A 2 12.68 -2.80 -2.14
CA CYS A 2 11.35 -2.21 -2.05
C CYS A 2 11.43 -0.77 -1.54
N PRO A 3 10.78 0.17 -2.26
CA PRO A 3 10.69 1.56 -1.82
C PRO A 3 9.68 1.73 -0.68
N PRO A 4 10.06 2.44 0.39
CA PRO A 4 9.20 2.62 1.56
C PRO A 4 7.94 3.43 1.24
N CYS A 5 6.78 2.87 1.57
CA CYS A 5 5.52 3.59 1.41
C CYS A 5 5.27 4.46 2.63
N ARG A 6 5.55 5.74 2.49
CA ARG A 6 5.50 6.67 3.62
C ARG A 6 4.16 7.38 3.69
N PHE A 7 3.85 8.17 2.67
CA PHE A 7 2.61 8.95 2.65
C PHE A 7 1.44 8.05 2.33
N THR A 8 0.99 7.30 3.30
CA THR A 8 -0.19 6.48 3.13
C THR A 8 -1.44 7.35 3.10
N LEU A 9 -2.10 7.38 1.95
CA LEU A 9 -3.30 8.20 1.77
C LEU A 9 -4.52 7.41 2.21
N SER A 10 -4.26 6.30 2.89
CA SER A 10 -5.29 5.40 3.38
C SER A 10 -6.32 6.10 4.28
N PRO A 11 -5.92 6.99 5.21
CA PRO A 11 -4.53 7.32 5.51
C PRO A 11 -3.90 6.40 6.57
N TRP A 12 -4.67 6.06 7.60
CA TRP A 12 -4.12 5.33 8.75
C TRP A 12 -4.79 3.97 8.88
N VAL A 13 -5.54 3.60 7.87
CA VAL A 13 -6.27 2.35 7.86
C VAL A 13 -5.51 1.28 7.09
N SER A 14 -6.14 0.13 6.90
CA SER A 14 -5.55 -0.99 6.17
C SER A 14 -5.02 -0.50 4.80
N PRO A 15 -3.79 -0.94 4.44
CA PRO A 15 -3.09 -0.48 3.23
C PRO A 15 -3.89 -0.72 1.94
N CYS A 16 -4.74 -1.73 1.95
CA CYS A 16 -5.56 -2.03 0.79
C CYS A 16 -6.68 -1.02 0.65
N SER A 17 -7.04 -0.38 1.76
CA SER A 17 -8.12 0.58 1.77
C SER A 17 -7.57 1.98 1.51
N ASN A 18 -6.78 2.11 0.46
CA ASN A 18 -6.21 3.39 0.09
C ASN A 18 -7.05 4.02 -1.03
N PRO A 19 -7.75 5.11 -0.74
CA PRO A 19 -8.63 5.78 -1.72
C PRO A 19 -7.85 6.38 -2.88
N HIS A 20 -8.56 6.64 -3.98
CA HIS A 20 -7.98 7.20 -5.22
C HIS A 20 -6.67 6.53 -5.59
N TRP A 21 -6.62 5.21 -5.44
CA TRP A 21 -5.38 4.47 -5.63
C TRP A 21 -5.66 3.08 -6.20
N PRO A 22 -5.67 2.96 -7.54
CA PRO A 22 -5.95 1.70 -8.23
C PRO A 22 -4.76 0.75 -8.23
N ILE A 23 -4.11 0.62 -7.09
CA ILE A 23 -2.96 -0.27 -6.95
C ILE A 23 -3.26 -1.35 -5.92
N ARG A 24 -3.47 -2.57 -6.42
CA ARG A 24 -3.78 -3.72 -5.59
C ARG A 24 -2.55 -4.21 -4.82
N ALA A 25 -1.37 -3.77 -5.23
CA ALA A 25 -0.11 -4.20 -4.60
C ALA A 25 -0.14 -4.04 -3.09
N MET A 26 -0.72 -2.94 -2.61
CA MET A 26 -0.76 -2.66 -1.18
C MET A 26 -1.61 -3.67 -0.44
N CYS A 27 -2.51 -4.33 -1.17
CA CYS A 27 -3.39 -5.36 -0.59
C CYS A 27 -2.61 -6.65 -0.38
N ASN A 28 -1.45 -6.73 -0.99
CA ASN A 28 -0.60 -7.92 -0.93
C ASN A 28 0.45 -7.79 0.16
N ASP A 29 0.26 -6.83 1.05
CA ASP A 29 1.28 -6.46 2.06
C ASP A 29 1.80 -7.66 2.86
N SER A 30 1.03 -8.74 2.89
CA SER A 30 1.44 -9.95 3.61
C SER A 30 2.62 -10.63 2.91
N VAL A 31 2.77 -10.34 1.62
CA VAL A 31 3.89 -10.83 0.84
C VAL A 31 5.06 -9.86 0.97
N PRO A 32 6.31 -10.32 0.72
CA PRO A 32 7.49 -9.45 0.70
C PRO A 32 7.18 -8.08 0.10
N CYS A 33 7.72 -7.04 0.76
CA CYS A 33 7.33 -5.64 0.57
C CYS A 33 6.88 -5.31 -0.86
N PRO A 34 5.55 -5.22 -1.06
CA PRO A 34 4.97 -4.79 -2.32
C PRO A 34 5.06 -3.28 -2.47
N PRO A 35 5.46 -2.79 -3.65
CA PRO A 35 5.57 -1.36 -3.89
C PRO A 35 4.22 -0.71 -4.16
N CYS A 36 3.96 0.38 -3.45
CA CYS A 36 2.78 1.18 -3.70
C CYS A 36 2.96 1.98 -4.98
N GLY A 1 14.81 -1.36 -6.00
CA GLY A 1 14.26 -2.06 -4.82
C GLY A 1 12.86 -1.60 -4.49
N CYS A 2 12.28 -2.19 -3.46
CA CYS A 2 10.92 -1.85 -3.06
C CYS A 2 10.90 -0.57 -2.23
N PRO A 3 10.10 0.43 -2.64
CA PRO A 3 9.94 1.66 -1.88
C PRO A 3 8.89 1.51 -0.77
N PRO A 4 9.22 1.96 0.44
CA PRO A 4 8.29 1.92 1.55
C PRO A 4 7.19 2.96 1.40
N CYS A 5 5.94 2.52 1.48
CA CYS A 5 4.80 3.42 1.38
C CYS A 5 4.61 4.13 2.72
N ARG A 6 5.10 5.36 2.81
CA ARG A 6 5.13 6.09 4.06
C ARG A 6 3.85 6.89 4.26
N PHE A 7 3.65 7.88 3.41
CA PHE A 7 2.49 8.75 3.51
C PHE A 7 1.28 8.13 2.81
N THR A 8 0.80 7.03 3.38
CA THR A 8 -0.38 6.37 2.89
C THR A 8 -1.62 7.25 3.10
N LEU A 9 -2.51 7.24 2.12
CA LEU A 9 -3.71 8.06 2.17
C LEU A 9 -4.87 7.23 2.71
N SER A 10 -4.51 6.11 3.31
CA SER A 10 -5.47 5.18 3.89
C SER A 10 -6.33 5.82 5.00
N PRO A 11 -5.77 6.69 5.88
CA PRO A 11 -4.33 6.98 5.97
C PRO A 11 -3.59 6.04 6.93
N TRP A 12 -4.21 5.73 8.06
CA TRP A 12 -3.56 4.94 9.10
C TRP A 12 -4.16 3.54 9.19
N VAL A 13 -4.89 3.15 8.17
CA VAL A 13 -5.49 1.83 8.11
C VAL A 13 -4.79 0.99 7.03
N SER A 14 -5.32 -0.20 6.77
CA SER A 14 -4.79 -1.07 5.73
C SER A 14 -4.60 -0.31 4.42
N PRO A 15 -3.39 -0.38 3.82
CA PRO A 15 -3.05 0.38 2.60
C PRO A 15 -3.91 -0.02 1.42
N CYS A 16 -4.55 -1.17 1.52
CA CYS A 16 -5.43 -1.66 0.46
C CYS A 16 -6.67 -0.78 0.36
N SER A 17 -6.95 -0.02 1.41
CA SER A 17 -8.08 0.90 1.40
C SER A 17 -7.57 2.32 1.20
N ASN A 18 -6.93 2.55 0.07
CA ASN A 18 -6.34 3.85 -0.24
C ASN A 18 -7.12 4.50 -1.39
N PRO A 19 -7.68 5.70 -1.14
CA PRO A 19 -8.42 6.44 -2.18
C PRO A 19 -7.50 6.95 -3.28
N HIS A 20 -8.09 7.23 -4.45
CA HIS A 20 -7.35 7.71 -5.63
C HIS A 20 -6.06 6.93 -5.85
N TRP A 21 -6.15 5.61 -5.70
CA TRP A 21 -4.97 4.75 -5.77
C TRP A 21 -5.42 3.29 -5.78
N PRO A 22 -5.45 2.65 -6.97
CA PRO A 22 -5.91 1.28 -7.12
C PRO A 22 -4.89 0.27 -6.58
N ILE A 23 -3.79 0.10 -7.32
CA ILE A 23 -2.62 -0.70 -6.92
C ILE A 23 -2.99 -1.91 -6.06
N ARG A 24 -3.20 -3.05 -6.70
CA ARG A 24 -3.58 -4.25 -5.99
C ARG A 24 -2.40 -4.86 -5.25
N ALA A 25 -1.19 -4.47 -5.65
CA ALA A 25 0.03 -4.98 -5.04
C ALA A 25 0.11 -4.65 -3.55
N MET A 26 -0.30 -3.43 -3.20
CA MET A 26 -0.23 -2.97 -1.81
C MET A 26 -1.24 -3.71 -0.93
N CYS A 27 -2.23 -4.33 -1.57
CA CYS A 27 -3.25 -5.09 -0.87
C CYS A 27 -2.71 -6.46 -0.50
N ASN A 28 -1.58 -6.82 -1.08
CA ASN A 28 -0.92 -8.10 -0.84
C ASN A 28 0.06 -7.98 0.32
N ASP A 29 -0.09 -6.91 1.10
CA ASP A 29 0.88 -6.50 2.15
C ASP A 29 1.26 -7.62 3.13
N SER A 30 0.55 -8.73 3.11
CA SER A 30 0.91 -9.88 3.93
C SER A 30 2.22 -10.49 3.40
N VAL A 31 2.53 -10.17 2.16
CA VAL A 31 3.80 -10.56 1.55
C VAL A 31 4.84 -9.47 1.84
N PRO A 32 6.14 -9.81 1.90
CA PRO A 32 7.23 -8.82 2.02
C PRO A 32 7.04 -7.60 1.11
N CYS A 33 7.82 -6.54 1.40
CA CYS A 33 7.61 -5.19 0.86
C CYS A 33 6.99 -5.17 -0.55
N PRO A 34 5.68 -4.87 -0.62
CA PRO A 34 4.99 -4.62 -1.87
C PRO A 34 5.06 -3.15 -2.26
N PRO A 35 5.36 -2.85 -3.52
CA PRO A 35 5.48 -1.46 -3.99
C PRO A 35 4.11 -0.83 -4.29
N CYS A 36 3.90 0.37 -3.78
CA CYS A 36 2.72 1.14 -4.10
C CYS A 36 2.90 1.83 -5.44
N GLY A 1 15.24 0.21 -6.97
CA GLY A 1 14.78 -0.83 -6.02
C GLY A 1 13.34 -0.59 -5.57
N CYS A 2 12.83 -1.49 -4.74
CA CYS A 2 11.47 -1.37 -4.24
C CYS A 2 11.41 -0.37 -3.08
N PRO A 3 10.60 0.69 -3.22
CA PRO A 3 10.37 1.66 -2.15
C PRO A 3 9.43 1.10 -1.08
N PRO A 4 9.80 1.26 0.20
CA PRO A 4 9.02 0.73 1.33
C PRO A 4 7.67 1.42 1.48
N CYS A 5 6.61 0.64 1.53
CA CYS A 5 5.27 1.18 1.68
C CYS A 5 4.88 1.15 3.16
N ARG A 6 5.03 2.30 3.81
CA ARG A 6 4.69 2.41 5.23
C ARG A 6 3.67 3.51 5.41
N PHE A 7 3.81 4.57 4.63
CA PHE A 7 2.90 5.69 4.70
C PHE A 7 1.56 5.30 4.11
N THR A 8 0.68 4.85 4.97
CA THR A 8 -0.67 4.54 4.56
C THR A 8 -1.36 5.81 4.05
N LEU A 9 -1.65 5.84 2.76
CA LEU A 9 -2.30 7.00 2.15
C LEU A 9 -3.80 6.84 2.30
N SER A 10 -4.16 5.89 3.14
CA SER A 10 -5.55 5.51 3.40
C SER A 10 -6.40 6.68 3.91
N PRO A 11 -5.90 7.54 4.84
CA PRO A 11 -4.56 7.44 5.44
C PRO A 11 -4.50 6.59 6.71
N TRP A 12 -5.65 6.28 7.30
CA TRP A 12 -5.66 5.65 8.62
C TRP A 12 -6.07 4.17 8.57
N VAL A 13 -6.85 3.80 7.56
CA VAL A 13 -7.30 2.41 7.45
C VAL A 13 -6.31 1.55 6.68
N SER A 14 -6.69 0.31 6.42
CA SER A 14 -5.86 -0.63 5.67
C SER A 14 -5.40 -0.03 4.34
N PRO A 15 -4.12 -0.22 3.99
CA PRO A 15 -3.54 0.32 2.76
C PRO A 15 -4.18 -0.27 1.50
N CYS A 16 -4.93 -1.35 1.67
CA CYS A 16 -5.66 -1.96 0.58
C CYS A 16 -6.90 -1.14 0.23
N SER A 17 -7.34 -0.33 1.20
CA SER A 17 -8.47 0.54 0.99
C SER A 17 -7.98 1.99 0.89
N ASN A 18 -7.08 2.21 -0.06
CA ASN A 18 -6.44 3.50 -0.25
C ASN A 18 -7.06 4.25 -1.43
N PRO A 19 -7.68 5.42 -1.15
CA PRO A 19 -8.24 6.28 -2.19
C PRO A 19 -7.18 7.02 -3.00
N HIS A 20 -7.58 7.52 -4.17
CA HIS A 20 -6.73 8.28 -5.10
C HIS A 20 -5.49 7.50 -5.55
N TRP A 21 -5.47 6.21 -5.27
CA TRP A 21 -4.35 5.36 -5.61
C TRP A 21 -4.82 3.92 -5.75
N PRO A 22 -5.31 3.55 -6.94
CA PRO A 22 -5.91 2.24 -7.18
C PRO A 22 -4.86 1.17 -7.46
N ILE A 23 -4.19 0.73 -6.41
CA ILE A 23 -3.15 -0.27 -6.53
C ILE A 23 -3.44 -1.46 -5.62
N ARG A 24 -4.13 -2.46 -6.17
CA ARG A 24 -4.48 -3.67 -5.43
C ARG A 24 -3.26 -4.43 -4.90
N ALA A 25 -2.07 -4.11 -5.41
CA ALA A 25 -0.85 -4.78 -4.99
C ALA A 25 -0.51 -4.44 -3.54
N MET A 26 -0.95 -3.27 -3.10
CA MET A 26 -0.66 -2.80 -1.74
C MET A 26 -1.35 -3.69 -0.71
N CYS A 27 -2.35 -4.43 -1.16
CA CYS A 27 -3.12 -5.32 -0.30
C CYS A 27 -2.25 -6.48 0.19
N ASN A 28 -1.11 -6.66 -0.46
CA ASN A 28 -0.21 -7.76 -0.15
C ASN A 28 0.86 -7.35 0.85
N ASP A 29 0.63 -6.22 1.52
CA ASP A 29 1.63 -5.60 2.39
C ASP A 29 2.21 -6.54 3.46
N SER A 30 1.54 -7.64 3.71
CA SER A 30 2.02 -8.64 4.67
C SER A 30 3.26 -9.37 4.14
N VAL A 31 3.55 -9.19 2.86
CA VAL A 31 4.74 -9.74 2.23
C VAL A 31 5.83 -8.67 2.22
N PRO A 32 7.13 -9.04 2.21
CA PRO A 32 8.24 -8.09 2.01
C PRO A 32 7.95 -7.07 0.90
N CYS A 33 8.80 -6.04 0.79
CA CYS A 33 8.47 -4.78 0.08
C CYS A 33 7.45 -4.98 -1.05
N PRO A 34 6.19 -4.60 -0.76
CA PRO A 34 5.08 -4.77 -1.70
C PRO A 34 5.03 -3.65 -2.74
N PRO A 35 4.46 -3.91 -3.92
CA PRO A 35 4.31 -2.91 -4.96
C PRO A 35 3.19 -1.91 -4.65
N CYS A 36 3.53 -0.63 -4.77
CA CYS A 36 2.58 0.44 -4.57
C CYS A 36 2.75 1.47 -5.67
N GLY A 1 13.00 -2.11 -7.67
CA GLY A 1 12.28 -3.23 -7.01
C GLY A 1 10.99 -2.76 -6.37
N CYS A 2 10.83 -3.05 -5.09
CA CYS A 2 9.66 -2.63 -4.35
C CYS A 2 9.81 -1.19 -3.87
N PRO A 3 8.92 -0.28 -4.28
CA PRO A 3 8.93 1.10 -3.82
C PRO A 3 8.23 1.24 -2.46
N PRO A 4 8.87 1.95 -1.52
CA PRO A 4 8.33 2.12 -0.18
C PRO A 4 7.15 3.09 -0.14
N CYS A 5 6.04 2.64 0.42
CA CYS A 5 4.87 3.48 0.61
C CYS A 5 4.60 3.66 2.10
N ARG A 6 4.97 4.83 2.62
CA ARG A 6 4.89 5.10 4.04
C ARG A 6 3.56 5.73 4.44
N PHE A 7 3.18 6.81 3.76
CA PHE A 7 1.96 7.50 4.12
C PHE A 7 0.75 6.75 3.60
N THR A 8 0.19 5.92 4.44
CA THR A 8 -1.08 5.32 4.13
C THR A 8 -2.16 6.38 4.17
N LEU A 9 -2.69 6.70 2.99
CA LEU A 9 -3.72 7.74 2.87
C LEU A 9 -5.07 7.12 3.20
N SER A 10 -5.00 5.88 3.65
CA SER A 10 -6.15 5.07 3.99
C SER A 10 -7.10 5.77 4.99
N PRO A 11 -6.59 6.39 6.08
CA PRO A 11 -5.18 6.35 6.48
C PRO A 11 -4.84 5.19 7.41
N TRP A 12 -5.74 4.87 8.33
CA TRP A 12 -5.46 3.87 9.36
C TRP A 12 -6.07 2.52 8.99
N VAL A 13 -7.04 2.53 8.09
CA VAL A 13 -7.63 1.30 7.59
C VAL A 13 -6.65 0.55 6.70
N SER A 14 -7.11 -0.52 6.07
CA SER A 14 -6.26 -1.37 5.25
C SER A 14 -5.43 -0.52 4.27
N PRO A 15 -4.09 -0.69 4.30
CA PRO A 15 -3.16 0.10 3.49
C PRO A 15 -3.35 -0.10 1.99
N CYS A 16 -4.02 -1.18 1.64
CA CYS A 16 -4.30 -1.48 0.26
C CYS A 16 -5.40 -0.55 -0.27
N SER A 17 -6.21 -0.04 0.65
CA SER A 17 -7.23 0.93 0.31
C SER A 17 -6.66 2.34 0.43
N ASN A 18 -5.77 2.67 -0.49
CA ASN A 18 -5.11 3.97 -0.48
C ASN A 18 -5.73 4.87 -1.54
N PRO A 19 -6.49 5.89 -1.13
CA PRO A 19 -7.09 6.86 -2.05
C PRO A 19 -6.06 7.52 -2.94
N HIS A 20 -6.46 7.83 -4.17
CA HIS A 20 -5.58 8.43 -5.17
C HIS A 20 -4.48 7.45 -5.57
N TRP A 21 -4.75 6.16 -5.37
CA TRP A 21 -3.79 5.12 -5.69
C TRP A 21 -4.51 3.78 -5.85
N PRO A 22 -4.99 3.48 -7.06
CA PRO A 22 -5.76 2.28 -7.34
C PRO A 22 -4.88 1.07 -7.63
N ILE A 23 -3.95 0.79 -6.74
CA ILE A 23 -3.07 -0.36 -6.89
C ILE A 23 -3.37 -1.39 -5.82
N ARG A 24 -4.01 -2.46 -6.25
CA ARG A 24 -4.37 -3.55 -5.35
C ARG A 24 -3.15 -4.35 -4.88
N ALA A 25 -2.02 -4.16 -5.54
CA ALA A 25 -0.81 -4.90 -5.20
C ALA A 25 -0.32 -4.54 -3.80
N MET A 26 -0.78 -3.40 -3.28
CA MET A 26 -0.43 -2.99 -1.93
C MET A 26 -1.13 -3.87 -0.91
N CYS A 27 -2.01 -4.75 -1.37
CA CYS A 27 -2.68 -5.72 -0.51
C CYS A 27 -1.67 -6.73 0.01
N ASN A 28 -0.50 -6.75 -0.61
CA ASN A 28 0.58 -7.64 -0.21
C ASN A 28 1.36 -7.05 0.98
N ASP A 29 0.76 -6.08 1.65
CA ASP A 29 1.37 -5.41 2.80
C ASP A 29 1.76 -6.41 3.90
N SER A 30 1.05 -7.53 3.98
CA SER A 30 1.35 -8.56 4.97
C SER A 30 2.66 -9.25 4.63
N VAL A 31 3.00 -9.22 3.36
CA VAL A 31 4.24 -9.77 2.84
C VAL A 31 5.29 -8.67 2.81
N PRO A 32 6.60 -9.02 2.82
CA PRO A 32 7.69 -8.03 2.69
C PRO A 32 7.40 -6.96 1.63
N CYS A 33 8.22 -5.90 1.60
CA CYS A 33 7.88 -4.62 0.94
C CYS A 33 6.89 -4.79 -0.23
N PRO A 34 5.62 -4.40 0.01
CA PRO A 34 4.56 -4.52 -0.99
C PRO A 34 4.78 -3.55 -2.16
N PRO A 35 4.58 -4.02 -3.40
CA PRO A 35 4.78 -3.18 -4.56
C PRO A 35 3.64 -2.18 -4.76
N CYS A 36 4.01 -0.92 -4.94
CA CYS A 36 3.07 0.14 -5.23
C CYS A 36 3.11 0.44 -6.73
N GLY A 1 15.82 -1.31 -5.90
CA GLY A 1 15.21 -2.30 -4.99
C GLY A 1 13.78 -1.95 -4.67
N CYS A 2 13.18 -2.67 -3.74
CA CYS A 2 11.79 -2.42 -3.36
C CYS A 2 11.69 -1.13 -2.55
N PRO A 3 10.82 -0.21 -2.99
CA PRO A 3 10.58 1.04 -2.26
C PRO A 3 9.65 0.83 -1.07
N PRO A 4 10.03 1.33 0.12
CA PRO A 4 9.17 1.25 1.30
C PRO A 4 7.98 2.20 1.19
N CYS A 5 6.78 1.64 1.34
CA CYS A 5 5.57 2.44 1.30
C CYS A 5 5.22 2.93 2.70
N ARG A 6 5.58 4.18 2.99
CA ARG A 6 5.31 4.76 4.30
C ARG A 6 4.18 5.78 4.21
N PHE A 7 3.95 6.27 3.01
CA PHE A 7 2.92 7.25 2.77
C PHE A 7 1.56 6.60 2.90
N THR A 8 1.00 6.64 4.08
CA THR A 8 -0.33 6.15 4.29
C THR A 8 -1.36 7.14 3.81
N LEU A 9 -1.93 6.85 2.66
CA LEU A 9 -2.95 7.72 2.07
C LEU A 9 -4.32 7.34 2.60
N SER A 10 -4.34 6.24 3.36
CA SER A 10 -5.56 5.70 3.93
C SER A 10 -6.38 6.77 4.68
N PRO A 11 -5.76 7.58 5.58
CA PRO A 11 -4.38 7.42 6.04
C PRO A 11 -4.25 6.49 7.25
N TRP A 12 -5.32 6.39 8.03
CA TRP A 12 -5.26 5.71 9.33
C TRP A 12 -5.82 4.30 9.25
N VAL A 13 -6.72 4.06 8.31
CA VAL A 13 -7.26 2.72 8.10
C VAL A 13 -6.26 1.84 7.36
N SER A 14 -6.69 0.64 7.01
CA SER A 14 -5.82 -0.31 6.34
C SER A 14 -5.21 0.28 5.07
N PRO A 15 -3.96 -0.07 4.75
CA PRO A 15 -3.29 0.39 3.53
C PRO A 15 -4.11 0.11 2.26
N CYS A 16 -4.62 -1.11 2.15
CA CYS A 16 -5.37 -1.52 0.97
C CYS A 16 -6.70 -0.77 0.85
N SER A 17 -7.29 -0.39 1.98
CA SER A 17 -8.56 0.31 1.97
C SER A 17 -8.35 1.81 1.73
N ASN A 18 -7.69 2.12 0.62
CA ASN A 18 -7.41 3.50 0.26
C ASN A 18 -8.06 3.84 -1.08
N PRO A 19 -9.09 4.69 -1.06
CA PRO A 19 -9.73 5.19 -2.28
C PRO A 19 -8.75 6.03 -3.10
N HIS A 20 -9.04 6.15 -4.41
CA HIS A 20 -8.23 6.96 -5.34
C HIS A 20 -6.94 6.25 -5.75
N TRP A 21 -6.66 5.11 -5.13
CA TRP A 21 -5.43 4.38 -5.40
C TRP A 21 -5.70 3.14 -6.25
N PRO A 22 -5.34 3.19 -7.54
CA PRO A 22 -5.59 2.11 -8.48
C PRO A 22 -4.42 1.10 -8.59
N ILE A 23 -3.75 0.85 -7.47
CA ILE A 23 -2.68 -0.14 -7.45
C ILE A 23 -2.95 -1.19 -6.37
N ARG A 24 -3.53 -2.31 -6.79
CA ARG A 24 -3.87 -3.41 -5.89
C ARG A 24 -2.65 -4.04 -5.21
N ALA A 25 -1.46 -3.75 -5.72
CA ALA A 25 -0.23 -4.37 -5.22
C ALA A 25 -0.04 -4.18 -3.72
N MET A 26 -0.43 -3.02 -3.21
CA MET A 26 -0.21 -2.71 -1.80
C MET A 26 -1.16 -3.50 -0.90
N CYS A 27 -2.15 -4.14 -1.52
CA CYS A 27 -3.07 -5.01 -0.79
C CYS A 27 -2.40 -6.34 -0.47
N ASN A 28 -1.30 -6.60 -1.14
CA ASN A 28 -0.53 -7.82 -0.95
C ASN A 28 0.55 -7.58 0.12
N ASP A 29 0.39 -6.48 0.86
CA ASP A 29 1.35 -6.05 1.90
C ASP A 29 1.68 -7.16 2.90
N SER A 30 0.87 -8.20 2.92
CA SER A 30 1.12 -9.36 3.78
C SER A 30 2.35 -10.15 3.32
N VAL A 31 2.79 -9.86 2.11
CA VAL A 31 4.02 -10.43 1.56
C VAL A 31 5.19 -9.48 1.88
N PRO A 32 6.43 -10.00 1.99
CA PRO A 32 7.63 -9.16 2.04
C PRO A 32 7.57 -7.97 1.07
N CYS A 33 8.43 -6.97 1.31
CA CYS A 33 8.32 -5.62 0.71
C CYS A 33 7.67 -5.63 -0.69
N PRO A 34 6.38 -5.25 -0.74
CA PRO A 34 5.65 -5.05 -1.98
C PRO A 34 5.75 -3.60 -2.46
N PRO A 35 6.00 -3.39 -3.77
CA PRO A 35 6.00 -2.05 -4.35
C PRO A 35 4.58 -1.54 -4.58
N CYS A 36 4.30 -0.32 -4.15
CA CYS A 36 3.00 0.28 -4.34
C CYS A 36 3.01 1.18 -5.56
#